data_5FTA
#
_entry.id   5FTA
#
_cell.length_a   48.150
_cell.length_b   83.660
_cell.length_c   58.680
_cell.angle_alpha   90.00
_cell.angle_beta   95.18
_cell.angle_gamma   90.00
#
_symmetry.space_group_name_H-M   'P 1 21 1'
#
loop_
_entity.id
_entity.type
_entity.pdbx_description
1 polymer 'BTB/POZ DOMAIN-CONTAINING ADAPTER FOR CUL3-MEDIATED RHOA DEGRADATION PROTEIN 3'
2 non-polymer 'MERCURY (II) ION'
3 water water
#
_entity_poly.entity_id   1
_entity_poly.type   'polypeptide(L)'
_entity_poly.pdbx_seq_one_letter_code
;SMGTSPSSKYVKLNVGGALYYTTMQTLTKQDTMLKAMLSGRMEVLTDSEGWILIDRCGKHFGTILNYLRDGAVPLPESRR
EIEELLAEAKYYLVQGLVEECQAALQNKDTYE
;
_entity_poly.pdbx_strand_id   A,B,C,D
#
loop_
_chem_comp.id
_chem_comp.type
_chem_comp.name
_chem_comp.formula
HG non-polymer 'MERCURY (II) ION' 'Hg 2'
#
# COMPACT_ATOMS: atom_id res chain seq x y z
N SER A 7 17.60 -9.77 -19.62
CA SER A 7 18.13 -9.98 -18.27
C SER A 7 17.20 -9.37 -17.22
N SER A 8 17.72 -9.21 -16.01
CA SER A 8 16.94 -8.65 -14.90
C SER A 8 17.34 -7.22 -14.59
N LYS A 9 17.24 -6.36 -15.60
CA LYS A 9 17.38 -4.92 -15.43
C LYS A 9 15.98 -4.38 -15.20
N TYR A 10 15.85 -3.31 -14.41
CA TYR A 10 14.52 -2.81 -14.08
C TYR A 10 14.06 -1.74 -15.07
N VAL A 11 12.78 -1.82 -15.43
CA VAL A 11 12.16 -0.88 -16.33
C VAL A 11 10.98 -0.25 -15.60
N LYS A 12 10.84 1.07 -15.71
CA LYS A 12 9.75 1.78 -15.04
C LYS A 12 8.92 2.59 -16.02
N LEU A 13 7.61 2.40 -15.97
CA LEU A 13 6.69 3.00 -16.93
C LEU A 13 5.64 3.87 -16.23
N ASN A 14 5.41 5.06 -16.77
CA ASN A 14 4.33 5.93 -16.32
C ASN A 14 3.15 5.79 -17.28
N VAL A 15 2.16 4.98 -16.89
CA VAL A 15 0.99 4.73 -17.71
C VAL A 15 -0.22 5.50 -17.20
N GLY A 16 -0.51 6.64 -17.81
CA GLY A 16 -1.65 7.45 -17.43
C GLY A 16 -1.56 8.00 -16.01
N GLY A 17 -0.35 8.04 -15.48
CA GLY A 17 -0.12 8.54 -14.13
C GLY A 17 0.12 7.42 -13.13
N ALA A 18 -0.19 6.19 -13.53
CA ALA A 18 0.09 5.03 -12.69
C ALA A 18 1.54 4.57 -12.87
N LEU A 19 2.27 4.50 -11.77
CA LEU A 19 3.69 4.19 -11.82
C LEU A 19 3.92 2.69 -11.60
N TYR A 20 4.71 2.08 -12.48
CA TYR A 20 4.96 0.65 -12.45
C TYR A 20 6.45 0.34 -12.53
N TYR A 21 6.82 -0.77 -11.91
CA TYR A 21 8.20 -1.29 -11.94
C TYR A 21 8.19 -2.75 -12.38
N THR A 22 8.85 -3.05 -13.49
CA THR A 22 8.95 -4.43 -13.93
C THR A 22 10.37 -4.66 -14.47
N THR A 23 10.60 -5.82 -15.09
CA THR A 23 11.93 -6.17 -15.60
C THR A 23 11.95 -6.42 -17.10
N MET A 24 13.15 -6.40 -17.66
CA MET A 24 13.37 -6.71 -19.06
C MET A 24 12.94 -8.16 -19.32
N GLN A 25 13.16 -9.03 -18.34
CA GLN A 25 12.81 -10.43 -18.46
C GLN A 25 11.32 -10.60 -18.64
N THR A 26 10.54 -9.78 -17.93
CA THR A 26 9.09 -9.89 -17.96
C THR A 26 8.54 -9.34 -19.25
N LEU A 27 9.06 -8.20 -19.68
CA LEU A 27 8.55 -7.50 -20.85
C LEU A 27 8.94 -8.19 -22.15
N THR A 28 9.94 -9.08 -22.09
CA THR A 28 10.40 -9.80 -23.28
C THR A 28 10.01 -11.28 -23.24
N LYS A 29 9.16 -11.66 -22.29
CA LYS A 29 8.75 -13.05 -22.16
C LYS A 29 7.86 -13.47 -23.31
N GLN A 30 6.89 -12.60 -23.65
CA GLN A 30 5.96 -12.85 -24.75
C GLN A 30 6.17 -11.84 -25.88
N ASP A 31 5.62 -12.14 -27.05
CA ASP A 31 5.68 -11.24 -28.19
C ASP A 31 4.56 -10.21 -28.09
N THR A 32 4.90 -9.00 -27.68
CA THR A 32 3.92 -7.94 -27.48
C THR A 32 4.49 -6.59 -27.88
N MET A 33 3.67 -5.55 -27.75
CA MET A 33 4.07 -4.18 -28.05
C MET A 33 5.16 -3.74 -27.09
N LEU A 34 5.09 -4.24 -25.86
CA LEU A 34 6.03 -3.87 -24.81
C LEU A 34 7.43 -4.41 -25.11
N LYS A 35 7.49 -5.60 -25.71
CA LYS A 35 8.77 -6.16 -26.14
C LYS A 35 9.38 -5.32 -27.24
N ALA A 36 8.53 -4.88 -28.17
CA ALA A 36 8.97 -4.07 -29.30
C ALA A 36 9.51 -2.73 -28.80
N MET A 37 8.97 -2.28 -27.68
CA MET A 37 9.38 -1.01 -27.07
C MET A 37 10.83 -1.09 -26.61
N LEU A 38 11.25 -2.28 -26.16
CA LEU A 38 12.57 -2.44 -25.58
C LEU A 38 13.54 -2.98 -26.62
N SER A 39 12.99 -3.53 -27.70
CA SER A 39 13.80 -3.98 -28.83
C SER A 39 14.17 -2.80 -29.74
N GLY A 40 13.70 -1.61 -29.39
CA GLY A 40 13.95 -0.44 -30.21
C GLY A 40 13.08 -0.39 -31.45
N ARG A 41 12.17 -1.36 -31.57
CA ARG A 41 11.29 -1.44 -32.75
C ARG A 41 10.18 -0.40 -32.75
N MET A 42 10.20 0.48 -31.76
CA MET A 42 9.16 1.50 -31.66
C MET A 42 9.62 2.64 -30.77
N GLU A 43 9.09 3.83 -31.05
CA GLU A 43 9.44 5.00 -30.28
C GLU A 43 8.85 4.93 -28.88
N VAL A 44 9.69 5.21 -27.89
CA VAL A 44 9.26 5.34 -26.51
C VAL A 44 9.65 6.73 -26.04
N LEU A 45 8.74 7.38 -25.34
CA LEU A 45 9.00 8.72 -24.82
C LEU A 45 9.29 8.61 -23.33
N THR A 46 10.50 8.98 -22.94
CA THR A 46 10.90 8.95 -21.55
C THR A 46 11.13 10.36 -21.04
N ASP A 47 11.02 10.55 -19.73
CA ASP A 47 11.22 11.85 -19.12
C ASP A 47 12.60 11.93 -18.46
N SER A 48 12.84 13.02 -17.73
CA SER A 48 14.14 13.28 -17.13
C SER A 48 14.55 12.18 -16.15
N GLU A 49 13.57 11.54 -15.52
CA GLU A 49 13.85 10.57 -14.46
C GLU A 49 13.89 9.12 -14.98
N GLY A 50 13.64 8.94 -16.27
CA GLY A 50 13.78 7.65 -16.90
C GLY A 50 12.51 6.82 -16.93
N TRP A 51 11.36 7.47 -16.84
CA TRP A 51 10.07 6.77 -16.88
C TRP A 51 9.51 6.71 -18.29
N ILE A 52 9.25 5.50 -18.79
CA ILE A 52 8.62 5.33 -20.09
C ILE A 52 7.17 5.79 -20.02
N LEU A 53 6.83 6.81 -20.79
CA LEU A 53 5.49 7.37 -20.78
C LEU A 53 4.57 6.62 -21.73
N ILE A 54 3.36 6.32 -21.27
CA ILE A 54 2.34 5.71 -22.12
C ILE A 54 1.00 6.42 -21.91
N ASP A 55 0.44 6.92 -23.00
CA ASP A 55 -0.82 7.66 -22.95
C ASP A 55 -2.00 6.68 -23.01
N ARG A 56 -2.13 5.90 -21.94
CA ARG A 56 -3.26 4.99 -21.77
C ARG A 56 -3.69 5.08 -20.32
N CYS A 57 -4.94 4.78 -20.01
CA CYS A 57 -5.36 4.76 -18.61
C CYS A 57 -4.66 3.55 -18.00
N GLY A 58 -4.14 3.73 -16.79
CA GLY A 58 -3.32 2.71 -16.15
C GLY A 58 -4.08 1.72 -15.29
N LYS A 59 -5.41 1.71 -15.41
CA LYS A 59 -6.24 0.84 -14.58
C LYS A 59 -5.86 -0.64 -14.71
N HIS A 60 -5.76 -1.13 -15.94
CA HIS A 60 -5.52 -2.57 -16.16
C HIS A 60 -4.08 -2.92 -16.51
N PHE A 61 -3.17 -1.95 -16.51
CA PHE A 61 -1.81 -2.21 -16.93
C PHE A 61 -1.11 -3.18 -15.96
N GLY A 62 -1.43 -3.05 -14.68
CA GLY A 62 -0.91 -3.96 -13.67
C GLY A 62 -1.31 -5.39 -13.99
N THR A 63 -2.52 -5.54 -14.52
CA THR A 63 -3.02 -6.85 -14.90
C THR A 63 -2.27 -7.39 -16.12
N ILE A 64 -1.89 -6.48 -17.03
CA ILE A 64 -1.11 -6.88 -18.19
C ILE A 64 0.25 -7.39 -17.74
N LEU A 65 0.88 -6.65 -16.84
CA LEU A 65 2.20 -7.03 -16.33
C LEU A 65 2.18 -8.40 -15.66
N ASN A 66 1.11 -8.70 -14.92
CA ASN A 66 0.98 -9.97 -14.23
C ASN A 66 0.77 -11.13 -15.20
N TYR A 67 0.04 -10.88 -16.28
CA TYR A 67 -0.16 -11.91 -17.29
C TYR A 67 1.17 -12.28 -17.91
N LEU A 68 2.01 -11.27 -18.15
CA LEU A 68 3.34 -11.50 -18.70
C LEU A 68 4.23 -12.24 -17.68
N ARG A 69 4.11 -11.88 -16.41
CA ARG A 69 4.93 -12.50 -15.39
C ARG A 69 4.57 -13.97 -15.17
N ASP A 70 3.29 -14.24 -14.94
CA ASP A 70 2.85 -15.60 -14.60
C ASP A 70 2.33 -16.40 -15.78
N GLY A 71 2.09 -15.74 -16.91
CA GLY A 71 1.50 -16.42 -18.05
C GLY A 71 0.01 -16.64 -17.88
N ALA A 72 -0.53 -16.11 -16.79
CA ALA A 72 -1.95 -16.23 -16.48
C ALA A 72 -2.35 -15.16 -15.46
N VAL A 73 -3.64 -14.83 -15.41
CA VAL A 73 -4.11 -13.82 -14.47
C VAL A 73 -5.61 -14.00 -14.21
N PRO A 74 -6.07 -13.72 -12.98
CA PRO A 74 -7.51 -13.76 -12.74
C PRO A 74 -8.26 -12.67 -13.50
N LEU A 75 -9.22 -13.06 -14.33
CA LEU A 75 -9.98 -12.09 -15.11
C LEU A 75 -11.11 -11.45 -14.29
N PRO A 76 -11.51 -10.22 -14.66
CA PRO A 76 -12.62 -9.55 -13.97
C PRO A 76 -13.97 -10.22 -14.24
N GLU A 77 -14.92 -10.01 -13.33
CA GLU A 77 -16.24 -10.63 -13.43
C GLU A 77 -17.12 -9.95 -14.47
N SER A 78 -17.34 -8.65 -14.29
CA SER A 78 -18.24 -7.89 -15.15
C SER A 78 -17.77 -7.87 -16.60
N ARG A 79 -18.72 -7.89 -17.53
CA ARG A 79 -18.40 -7.86 -18.94
C ARG A 79 -17.71 -6.56 -19.33
N ARG A 80 -18.08 -5.47 -18.67
CA ARG A 80 -17.53 -4.16 -18.99
C ARG A 80 -16.03 -4.13 -18.71
N GLU A 81 -15.62 -4.71 -17.59
CA GLU A 81 -14.21 -4.70 -17.22
C GLU A 81 -13.40 -5.67 -18.07
N ILE A 82 -14.04 -6.74 -18.54
CA ILE A 82 -13.39 -7.67 -19.46
C ILE A 82 -13.16 -6.95 -20.79
N GLU A 83 -14.12 -6.13 -21.20
CA GLU A 83 -13.99 -5.37 -22.44
C GLU A 83 -12.88 -4.34 -22.32
N GLU A 84 -12.77 -3.73 -21.14
CA GLU A 84 -11.72 -2.77 -20.86
C GLU A 84 -10.33 -3.41 -20.95
N LEU A 85 -10.18 -4.55 -20.27
CA LEU A 85 -8.93 -5.30 -20.29
C LEU A 85 -8.61 -5.79 -21.69
N LEU A 86 -9.64 -6.24 -22.39
CA LEU A 86 -9.50 -6.73 -23.76
C LEU A 86 -8.96 -5.64 -24.68
N ALA A 87 -9.44 -4.41 -24.49
CA ALA A 87 -9.00 -3.28 -25.30
C ALA A 87 -7.51 -3.02 -25.09
N GLU A 88 -7.06 -3.07 -23.83
CA GLU A 88 -5.65 -2.86 -23.52
C GLU A 88 -4.80 -3.98 -24.07
N ALA A 89 -5.28 -5.22 -23.93
CA ALA A 89 -4.58 -6.38 -24.45
C ALA A 89 -4.40 -6.24 -25.96
N LYS A 90 -5.44 -5.81 -26.64
CA LYS A 90 -5.40 -5.61 -28.09
C LYS A 90 -4.38 -4.52 -28.44
N TYR A 91 -4.39 -3.43 -27.69
CA TYR A 91 -3.49 -2.31 -27.93
C TYR A 91 -2.03 -2.71 -27.75
N TYR A 92 -1.72 -3.36 -26.64
CA TYR A 92 -0.36 -3.77 -26.32
C TYR A 92 0.04 -5.05 -27.06
N LEU A 93 -0.90 -5.57 -27.84
CA LEU A 93 -0.67 -6.78 -28.65
C LEU A 93 -0.31 -7.97 -27.77
N VAL A 94 -1.04 -8.12 -26.66
CA VAL A 94 -0.89 -9.29 -25.81
C VAL A 94 -1.91 -10.31 -26.26
N GLN A 95 -1.58 -11.01 -27.34
CA GLN A 95 -2.54 -11.87 -28.04
C GLN A 95 -3.09 -12.98 -27.15
N GLY A 96 -2.23 -13.50 -26.27
CA GLY A 96 -2.63 -14.55 -25.36
C GLY A 96 -3.77 -14.13 -24.46
N LEU A 97 -3.67 -12.93 -23.91
CA LEU A 97 -4.70 -12.43 -22.99
C LEU A 97 -5.95 -12.04 -23.76
N VAL A 98 -5.77 -11.56 -24.99
CA VAL A 98 -6.89 -11.18 -25.85
C VAL A 98 -7.83 -12.37 -26.07
N GLU A 99 -7.26 -13.53 -26.35
CA GLU A 99 -8.06 -14.73 -26.61
C GLU A 99 -8.85 -15.14 -25.37
N GLU A 100 -8.18 -15.17 -24.23
CA GLU A 100 -8.82 -15.56 -22.97
C GLU A 100 -9.94 -14.60 -22.59
N CYS A 101 -9.79 -13.33 -22.95
CA CYS A 101 -10.82 -12.33 -22.67
C CYS A 101 -11.99 -12.48 -23.63
N GLN A 102 -11.68 -12.77 -24.89
CA GLN A 102 -12.71 -13.04 -25.89
C GLN A 102 -13.50 -14.28 -25.53
N ALA A 103 -12.81 -15.27 -24.98
CA ALA A 103 -13.44 -16.51 -24.56
C ALA A 103 -14.34 -16.27 -23.35
N ALA A 104 -13.87 -15.44 -22.42
CA ALA A 104 -14.62 -15.15 -21.20
C ALA A 104 -15.96 -14.49 -21.52
N LEU A 105 -16.00 -13.70 -22.58
CA LEU A 105 -17.24 -13.03 -23.00
C LEU A 105 -18.15 -13.92 -23.84
N GLN A 106 -18.04 -15.23 -23.67
CA GLN A 106 -18.90 -16.17 -24.40
C GLN A 106 -20.05 -16.63 -23.52
N ASN A 107 -21.21 -15.98 -23.67
CA ASN A 107 -22.39 -16.31 -22.89
C ASN A 107 -23.26 -17.35 -23.60
N SER B 7 23.04 -4.28 6.56
CA SER B 7 23.32 -4.58 7.95
C SER B 7 22.29 -3.95 8.89
N SER B 8 21.17 -3.53 8.32
CA SER B 8 20.10 -2.89 9.09
C SER B 8 18.95 -3.87 9.28
N LYS B 9 18.15 -3.68 10.33
CA LYS B 9 16.97 -4.50 10.53
C LYS B 9 15.75 -3.86 9.87
N TYR B 10 15.88 -2.61 9.44
CA TYR B 10 14.76 -1.93 8.81
C TYR B 10 14.91 -2.15 7.32
N VAL B 11 13.81 -2.54 6.67
CA VAL B 11 13.83 -2.87 5.25
C VAL B 11 12.84 -2.06 4.43
N LYS B 12 13.30 -1.62 3.27
CA LYS B 12 12.46 -0.89 2.34
C LYS B 12 12.48 -1.60 0.99
N LEU B 13 11.28 -1.96 0.52
CA LEU B 13 11.13 -2.80 -0.67
C LEU B 13 10.28 -2.12 -1.73
N ASN B 14 10.76 -2.17 -2.98
CA ASN B 14 9.99 -1.72 -4.13
C ASN B 14 9.36 -2.92 -4.82
N VAL B 15 8.07 -3.13 -4.55
CA VAL B 15 7.33 -4.26 -5.13
C VAL B 15 6.46 -3.78 -6.29
N GLY B 16 6.97 -3.94 -7.51
CA GLY B 16 6.25 -3.56 -8.70
C GLY B 16 5.95 -2.09 -8.78
N GLY B 17 6.68 -1.28 -8.01
CA GLY B 17 6.46 0.15 -7.96
C GLY B 17 5.75 0.57 -6.69
N ALA B 18 5.18 -0.40 -5.99
CA ALA B 18 4.57 -0.16 -4.69
C ALA B 18 5.64 -0.18 -3.63
N LEU B 19 5.72 0.90 -2.85
CA LEU B 19 6.78 1.07 -1.86
C LEU B 19 6.34 0.60 -0.49
N TYR B 20 7.17 -0.21 0.15
CA TYR B 20 6.87 -0.75 1.47
C TYR B 20 8.05 -0.50 2.40
N TYR B 21 7.73 -0.26 3.67
CA TYR B 21 8.74 -0.04 4.69
C TYR B 21 8.42 -1.00 5.83
N THR B 22 9.30 -1.98 6.04
CA THR B 22 9.08 -2.98 7.08
C THR B 22 10.37 -3.36 7.79
N THR B 23 10.29 -4.38 8.62
CA THR B 23 11.43 -4.83 9.41
C THR B 23 11.80 -6.28 9.13
N MET B 24 13.01 -6.63 9.54
CA MET B 24 13.49 -8.00 9.49
C MET B 24 12.63 -8.88 10.38
N GLN B 25 12.14 -8.30 11.46
CA GLN B 25 11.33 -9.03 12.43
C GLN B 25 10.08 -9.62 11.79
N THR B 26 9.49 -8.87 10.86
CA THR B 26 8.28 -9.31 10.19
C THR B 26 8.59 -10.33 9.08
N LEU B 27 9.61 -10.02 8.28
CA LEU B 27 9.94 -10.82 7.10
C LEU B 27 10.57 -12.18 7.41
N THR B 28 11.07 -12.34 8.64
CA THR B 28 11.71 -13.59 9.03
C THR B 28 10.86 -14.39 10.01
N LYS B 29 9.61 -13.98 10.19
CA LYS B 29 8.72 -14.64 11.14
C LYS B 29 8.39 -16.05 10.63
N GLN B 30 8.09 -16.15 9.33
CA GLN B 30 7.81 -17.43 8.69
C GLN B 30 8.88 -17.75 7.65
N ASP B 31 8.93 -19.02 7.24
CA ASP B 31 9.87 -19.47 6.22
C ASP B 31 9.34 -19.21 4.82
N THR B 32 9.86 -18.17 4.17
CA THR B 32 9.40 -17.78 2.83
C THR B 32 10.56 -17.26 1.98
N MET B 33 10.25 -16.89 0.75
CA MET B 33 11.25 -16.36 -0.18
C MET B 33 11.81 -15.03 0.33
N LEU B 34 10.98 -14.25 1.00
CA LEU B 34 11.41 -12.95 1.50
C LEU B 34 12.45 -13.08 2.60
N LYS B 35 12.32 -14.12 3.44
CA LYS B 35 13.30 -14.36 4.48
C LYS B 35 14.66 -14.71 3.89
N ALA B 36 14.65 -15.57 2.88
CA ALA B 36 15.88 -15.98 2.22
C ALA B 36 16.53 -14.81 1.49
N MET B 37 15.69 -13.91 1.00
CA MET B 37 16.15 -12.72 0.27
C MET B 37 16.92 -11.75 1.17
N LEU B 38 16.50 -11.63 2.42
CA LEU B 38 17.10 -10.66 3.35
C LEU B 38 18.15 -11.31 4.23
N SER B 39 18.16 -12.64 4.27
CA SER B 39 19.19 -13.37 4.99
C SER B 39 20.50 -13.42 4.18
N GLY B 40 20.48 -12.82 2.99
CA GLY B 40 21.65 -12.82 2.13
C GLY B 40 21.83 -14.17 1.46
N ARG B 41 20.90 -15.07 1.74
CA ARG B 41 20.94 -16.43 1.22
C ARG B 41 20.49 -16.51 -0.24
N MET B 42 20.30 -15.36 -0.86
CA MET B 42 19.80 -15.30 -2.23
C MET B 42 20.19 -13.97 -2.86
N GLU B 43 20.33 -13.95 -4.18
CA GLU B 43 20.72 -12.73 -4.88
C GLU B 43 19.59 -11.69 -4.85
N VAL B 44 19.95 -10.46 -4.50
CA VAL B 44 19.02 -9.34 -4.48
C VAL B 44 19.50 -8.16 -5.32
N LEU B 45 18.57 -7.52 -6.04
CA LEU B 45 18.88 -6.36 -6.85
C LEU B 45 18.39 -5.09 -6.14
N THR B 46 19.34 -4.22 -5.80
CA THR B 46 19.04 -2.95 -5.13
C THR B 46 19.39 -1.75 -6.03
N ASP B 47 18.77 -0.61 -5.76
CA ASP B 47 19.07 0.61 -6.51
C ASP B 47 19.97 1.54 -5.71
N SER B 48 20.19 2.74 -6.24
CA SER B 48 21.08 3.72 -5.63
C SER B 48 20.65 4.14 -4.23
N GLU B 49 19.33 4.12 -3.99
CA GLU B 49 18.77 4.63 -2.74
C GLU B 49 18.55 3.53 -1.70
N GLY B 50 18.88 2.29 -2.06
CA GLY B 50 18.83 1.19 -1.12
C GLY B 50 17.53 0.41 -1.09
N TRP B 51 16.75 0.51 -2.17
CA TRP B 51 15.50 -0.23 -2.29
C TRP B 51 15.70 -1.56 -3.03
N ILE B 52 15.36 -2.65 -2.36
CA ILE B 52 15.40 -3.97 -2.98
C ILE B 52 14.26 -4.08 -3.98
N LEU B 53 14.59 -4.28 -5.26
CA LEU B 53 13.58 -4.37 -6.31
C LEU B 53 13.00 -5.77 -6.38
N ILE B 54 11.68 -5.84 -6.51
CA ILE B 54 10.98 -7.11 -6.68
C ILE B 54 9.99 -6.97 -7.83
N ASP B 55 10.12 -7.85 -8.81
CA ASP B 55 9.29 -7.79 -10.01
C ASP B 55 7.96 -8.52 -9.81
N ARG B 56 7.14 -8.02 -8.91
CA ARG B 56 5.78 -8.52 -8.69
C ARG B 56 4.86 -7.36 -8.40
N CYS B 57 3.58 -7.54 -8.63
CA CYS B 57 2.61 -6.51 -8.28
C CYS B 57 2.53 -6.34 -6.76
N GLY B 58 2.51 -5.09 -6.32
CA GLY B 58 2.49 -4.78 -4.91
C GLY B 58 1.09 -4.60 -4.35
N LYS B 59 0.08 -4.92 -5.15
CA LYS B 59 -1.31 -4.75 -4.75
C LYS B 59 -1.60 -5.49 -3.44
N HIS B 60 -1.25 -6.77 -3.41
CA HIS B 60 -1.56 -7.64 -2.28
C HIS B 60 -0.36 -7.86 -1.36
N PHE B 61 0.74 -7.17 -1.63
CA PHE B 61 1.95 -7.36 -0.85
C PHE B 61 1.78 -6.91 0.59
N GLY B 62 1.00 -5.86 0.81
CA GLY B 62 0.70 -5.40 2.14
C GLY B 62 0.02 -6.49 2.94
N THR B 63 -0.82 -7.27 2.26
CA THR B 63 -1.51 -8.39 2.89
C THR B 63 -0.53 -9.51 3.23
N ILE B 64 0.48 -9.69 2.38
CA ILE B 64 1.51 -10.69 2.64
C ILE B 64 2.25 -10.34 3.93
N LEU B 65 2.63 -9.07 4.05
CA LEU B 65 3.35 -8.59 5.22
C LEU B 65 2.54 -8.77 6.50
N ASN B 66 1.24 -8.51 6.39
CA ASN B 66 0.35 -8.64 7.55
C ASN B 66 0.17 -10.09 7.96
N TYR B 67 0.15 -10.99 6.98
CA TYR B 67 0.04 -12.42 7.27
C TYR B 67 1.29 -12.90 7.99
N LEU B 68 2.45 -12.42 7.55
CA LEU B 68 3.70 -12.77 8.21
C LEU B 68 3.73 -12.19 9.62
N ARG B 69 3.23 -10.97 9.78
CA ARG B 69 3.25 -10.29 11.07
C ARG B 69 2.32 -10.94 12.08
N ASP B 70 1.06 -11.12 11.71
CA ASP B 70 0.03 -11.58 12.63
C ASP B 70 -0.21 -13.09 12.53
N GLY B 71 0.34 -13.71 11.49
CA GLY B 71 0.11 -15.12 11.24
C GLY B 71 -1.25 -15.40 10.62
N ALA B 72 -2.00 -14.34 10.35
CA ALA B 72 -3.32 -14.47 9.72
C ALA B 72 -3.78 -13.13 9.16
N VAL B 73 -4.70 -13.17 8.19
CA VAL B 73 -5.22 -11.97 7.57
C VAL B 73 -6.61 -12.20 6.99
N PRO B 74 -7.46 -11.18 6.99
CA PRO B 74 -8.75 -11.32 6.32
C PRO B 74 -8.59 -11.47 4.81
N LEU B 75 -9.14 -12.53 4.24
CA LEU B 75 -9.05 -12.74 2.80
C LEU B 75 -10.06 -11.85 2.10
N PRO B 76 -9.79 -11.48 0.84
CA PRO B 76 -10.75 -10.68 0.09
C PRO B 76 -12.03 -11.47 -0.20
N GLU B 77 -13.12 -10.76 -0.46
CA GLU B 77 -14.41 -11.42 -0.69
C GLU B 77 -14.45 -12.09 -2.06
N SER B 78 -14.23 -11.31 -3.10
CA SER B 78 -14.32 -11.81 -4.47
C SER B 78 -13.30 -12.92 -4.74
N ARG B 79 -13.70 -13.87 -5.57
CA ARG B 79 -12.85 -14.99 -5.96
C ARG B 79 -11.62 -14.50 -6.72
N ARG B 80 -11.78 -13.41 -7.46
CA ARG B 80 -10.71 -12.88 -8.28
C ARG B 80 -9.51 -12.45 -7.44
N GLU B 81 -9.77 -11.73 -6.35
CA GLU B 81 -8.69 -11.21 -5.53
C GLU B 81 -8.04 -12.28 -4.66
N ILE B 82 -8.78 -13.32 -4.31
CA ILE B 82 -8.19 -14.45 -3.59
C ILE B 82 -7.21 -15.17 -4.52
N GLU B 83 -7.60 -15.26 -5.80
CA GLU B 83 -6.75 -15.87 -6.81
C GLU B 83 -5.51 -15.02 -7.03
N GLU B 84 -5.67 -13.70 -6.99
CA GLU B 84 -4.54 -12.79 -7.13
C GLU B 84 -3.55 -12.98 -5.99
N LEU B 85 -4.09 -13.04 -4.77
CA LEU B 85 -3.27 -13.25 -3.59
C LEU B 85 -2.57 -14.60 -3.63
N LEU B 86 -3.29 -15.62 -4.10
CA LEU B 86 -2.73 -16.97 -4.19
C LEU B 86 -1.49 -16.99 -5.05
N ALA B 87 -1.51 -16.24 -6.16
CA ALA B 87 -0.37 -16.16 -7.05
C ALA B 87 0.82 -15.54 -6.33
N GLU B 88 0.55 -14.48 -5.58
CA GLU B 88 1.61 -13.80 -4.83
C GLU B 88 2.12 -14.66 -3.69
N ALA B 89 1.20 -15.29 -2.96
CA ALA B 89 1.56 -16.17 -1.86
C ALA B 89 2.41 -17.34 -2.34
N LYS B 90 2.01 -17.94 -3.45
CA LYS B 90 2.75 -19.05 -4.03
C LYS B 90 4.13 -18.61 -4.49
N TYR B 91 4.20 -17.42 -5.10
CA TYR B 91 5.46 -16.90 -5.59
C TYR B 91 6.46 -16.69 -4.46
N TYR B 92 6.01 -16.08 -3.37
CA TYR B 92 6.89 -15.83 -2.24
C TYR B 92 7.04 -17.08 -1.36
N LEU B 93 6.36 -18.17 -1.75
CA LEU B 93 6.44 -19.43 -1.02
C LEU B 93 5.93 -19.26 0.41
N VAL B 94 4.79 -18.61 0.55
CA VAL B 94 4.13 -18.44 1.83
C VAL B 94 3.15 -19.59 2.07
N GLN B 95 3.69 -20.70 2.59
CA GLN B 95 2.96 -21.96 2.68
C GLN B 95 1.66 -21.87 3.45
N GLY B 96 1.65 -21.10 4.53
CA GLY B 96 0.46 -20.94 5.34
C GLY B 96 -0.68 -20.29 4.55
N LEU B 97 -0.35 -19.22 3.85
CA LEU B 97 -1.34 -18.44 3.12
C LEU B 97 -1.81 -19.16 1.85
N VAL B 98 -0.93 -19.93 1.23
CA VAL B 98 -1.28 -20.69 0.04
C VAL B 98 -2.45 -21.64 0.30
N GLU B 99 -2.38 -22.37 1.40
CA GLU B 99 -3.41 -23.34 1.75
C GLU B 99 -4.76 -22.68 2.03
N GLU B 100 -4.74 -21.63 2.84
CA GLU B 100 -5.96 -20.95 3.25
C GLU B 100 -6.68 -20.36 2.05
N CYS B 101 -5.92 -19.90 1.07
CA CYS B 101 -6.48 -19.35 -0.15
C CYS B 101 -6.91 -20.46 -1.12
N GLN B 102 -6.11 -21.51 -1.20
CA GLN B 102 -6.49 -22.69 -2.00
C GLN B 102 -7.76 -23.30 -1.42
N ALA B 103 -7.87 -23.29 -0.10
CA ALA B 103 -9.05 -23.80 0.57
C ALA B 103 -10.26 -22.92 0.30
N ALA B 104 -10.04 -21.61 0.33
CA ALA B 104 -11.12 -20.63 0.13
C ALA B 104 -11.79 -20.79 -1.24
N LEU B 105 -11.02 -21.26 -2.22
CA LEU B 105 -11.54 -21.44 -3.57
C LEU B 105 -12.35 -22.73 -3.70
N GLN B 106 -12.24 -23.60 -2.70
CA GLN B 106 -12.97 -24.86 -2.69
C GLN B 106 -14.27 -24.72 -1.91
N ASN B 107 -14.77 -23.49 -1.85
CA ASN B 107 -16.02 -23.20 -1.14
C ASN B 107 -17.21 -23.28 -2.08
N LYS C 9 7.83 18.59 15.60
CA LYS C 9 8.89 17.62 15.33
C LYS C 9 8.32 16.21 15.28
N TYR C 10 8.91 15.38 14.43
CA TYR C 10 8.46 14.00 14.21
C TYR C 10 9.18 12.92 15.03
N VAL C 11 8.38 11.94 15.44
CA VAL C 11 8.84 10.79 16.20
C VAL C 11 8.52 9.53 15.40
N LYS C 12 9.45 8.58 15.39
CA LYS C 12 9.27 7.32 14.66
C LYS C 12 9.36 6.12 15.60
N LEU C 13 8.35 5.26 15.55
CA LEU C 13 8.24 4.15 16.48
C LEU C 13 8.21 2.79 15.78
N ASN C 14 8.98 1.86 16.31
CA ASN C 14 8.95 0.46 15.89
C ASN C 14 8.11 -0.33 16.89
N VAL C 15 6.86 -0.58 16.55
CA VAL C 15 5.96 -1.31 17.43
C VAL C 15 5.79 -2.75 16.96
N GLY C 16 6.54 -3.65 17.57
CA GLY C 16 6.47 -5.06 17.24
C GLY C 16 6.90 -5.38 15.82
N GLY C 17 7.66 -4.48 15.21
CA GLY C 17 8.11 -4.64 13.84
C GLY C 17 7.35 -3.76 12.86
N ALA C 18 6.22 -3.22 13.32
CA ALA C 18 5.43 -2.27 12.53
C ALA C 18 5.99 -0.87 12.71
N LEU C 19 6.29 -0.21 11.58
CA LEU C 19 6.93 1.11 11.60
C LEU C 19 5.91 2.23 11.49
N TYR C 20 6.03 3.22 12.38
CA TYR C 20 5.11 4.35 12.42
C TYR C 20 5.84 5.68 12.48
N TYR C 21 5.24 6.71 11.87
CA TYR C 21 5.76 8.07 11.89
C TYR C 21 4.69 9.04 12.36
N THR C 22 4.91 9.70 13.48
CA THR C 22 3.96 10.68 13.99
C THR C 22 4.69 11.89 14.57
N THR C 23 3.94 12.76 15.25
CA THR C 23 4.49 13.99 15.80
C THR C 23 4.35 14.06 17.33
N MET C 24 5.13 14.96 17.93
CA MET C 24 5.02 15.23 19.35
C MET C 24 3.65 15.76 19.70
N GLN C 25 3.08 16.54 18.79
CA GLN C 25 1.77 17.14 19.00
C GLN C 25 0.68 16.08 19.19
N THR C 26 0.77 15.00 18.41
CA THR C 26 -0.24 13.96 18.43
C THR C 26 -0.11 13.08 19.67
N LEU C 27 1.12 12.71 20.00
CA LEU C 27 1.37 11.78 21.09
C LEU C 27 1.16 12.45 22.45
N THR C 28 1.13 13.77 22.48
CA THR C 28 0.93 14.53 23.72
C THR C 28 -0.44 15.21 23.78
N LYS C 29 -1.32 14.87 22.84
CA LYS C 29 -2.65 15.48 22.80
C LYS C 29 -3.49 15.03 23.99
N GLN C 30 -3.42 13.74 24.30
CA GLN C 30 -4.16 13.16 25.42
C GLN C 30 -3.19 12.68 26.50
N ASP C 31 -3.73 12.41 27.69
CA ASP C 31 -2.92 11.90 28.78
C ASP C 31 -2.77 10.38 28.64
N THR C 32 -1.62 9.95 28.14
CA THR C 32 -1.36 8.54 27.86
C THR C 32 0.07 8.16 28.16
N MET C 33 0.41 6.90 27.92
CA MET C 33 1.78 6.41 28.11
C MET C 33 2.72 7.09 27.13
N LEU C 34 2.23 7.39 25.94
CA LEU C 34 3.05 8.00 24.90
C LEU C 34 3.45 9.43 25.26
N LYS C 35 2.56 10.16 25.91
CA LYS C 35 2.90 11.49 26.37
C LYS C 35 3.96 11.40 27.45
N ALA C 36 3.79 10.42 28.35
CA ALA C 36 4.75 10.21 29.42
C ALA C 36 6.09 9.80 28.85
N MET C 37 6.05 9.08 27.72
CA MET C 37 7.27 8.65 27.05
C MET C 37 8.04 9.83 26.49
N LEU C 38 7.32 10.85 26.01
CA LEU C 38 7.94 11.96 25.30
C LEU C 38 8.12 13.20 26.17
N SER C 39 7.43 13.24 27.30
CA SER C 39 7.59 14.33 28.25
C SER C 39 8.86 14.16 29.09
N GLY C 40 9.58 13.07 28.85
CA GLY C 40 10.78 12.77 29.61
C GLY C 40 10.44 12.22 30.98
N ARG C 41 9.15 12.05 31.25
CA ARG C 41 8.69 11.55 32.54
C ARG C 41 8.88 10.04 32.63
N MET C 42 9.47 9.45 31.59
CA MET C 42 9.69 8.02 31.54
C MET C 42 10.79 7.73 30.52
N GLU C 43 11.55 6.67 30.78
CA GLU C 43 12.60 6.24 29.87
C GLU C 43 11.98 5.58 28.63
N VAL C 44 12.55 5.90 27.48
CA VAL C 44 12.15 5.30 26.21
C VAL C 44 13.35 4.56 25.66
N LEU C 45 13.09 3.40 25.07
CA LEU C 45 14.14 2.55 24.55
C LEU C 45 14.25 2.76 23.04
N THR C 46 15.41 3.29 22.63
CA THR C 46 15.69 3.55 21.23
C THR C 46 16.86 2.70 20.75
N ASP C 47 16.92 2.46 19.44
CA ASP C 47 18.01 1.68 18.85
C ASP C 47 19.02 2.61 18.17
N SER C 48 19.96 2.01 17.45
CA SER C 48 21.03 2.76 16.79
C SER C 48 20.50 3.75 15.77
N GLU C 49 19.38 3.44 15.16
CA GLU C 49 18.84 4.25 14.06
C GLU C 49 17.78 5.27 14.50
N GLY C 50 17.47 5.29 15.80
CA GLY C 50 16.60 6.30 16.36
C GLY C 50 15.12 5.97 16.44
N TRP C 51 14.81 4.67 16.42
CA TRP C 51 13.43 4.20 16.54
C TRP C 51 13.04 3.86 17.97
N ILE C 52 11.99 4.49 18.48
CA ILE C 52 11.47 4.12 19.80
C ILE C 52 10.85 2.74 19.71
N LEU C 53 11.43 1.79 20.43
CA LEU C 53 10.96 0.41 20.40
C LEU C 53 9.83 0.17 21.39
N ILE C 54 8.80 -0.54 20.94
CA ILE C 54 7.69 -0.95 21.82
C ILE C 54 7.39 -2.42 21.55
N ASP C 55 7.45 -3.22 22.60
CA ASP C 55 7.23 -4.66 22.48
C ASP C 55 5.73 -4.96 22.56
N ARG C 56 5.01 -4.50 21.55
CA ARG C 56 3.58 -4.77 21.41
C ARG C 56 3.27 -5.03 19.94
N CYS C 57 2.18 -5.73 19.66
CA CYS C 57 1.76 -5.93 18.29
C CYS C 57 1.33 -4.61 17.67
N GLY C 58 1.78 -4.37 16.44
CA GLY C 58 1.50 -3.11 15.76
C GLY C 58 0.25 -3.15 14.91
N LYS C 59 -0.52 -4.22 15.03
CA LYS C 59 -1.74 -4.38 14.24
C LYS C 59 -2.68 -3.20 14.43
N HIS C 60 -2.99 -2.90 15.69
CA HIS C 60 -3.97 -1.86 16.02
C HIS C 60 -3.31 -0.55 16.45
N PHE C 61 -1.98 -0.48 16.36
CA PHE C 61 -1.29 0.73 16.80
C PHE C 61 -1.65 1.90 15.90
N GLY C 62 -1.85 1.61 14.62
CA GLY C 62 -2.29 2.60 13.66
C GLY C 62 -3.61 3.19 14.07
N THR C 63 -4.46 2.35 14.67
CA THR C 63 -5.77 2.80 15.15
C THR C 63 -5.63 3.72 16.35
N ILE C 64 -4.64 3.46 17.20
CA ILE C 64 -4.37 4.29 18.36
C ILE C 64 -3.95 5.68 17.92
N LEU C 65 -3.03 5.75 16.96
CA LEU C 65 -2.54 7.02 16.46
C LEU C 65 -3.67 7.86 15.88
N ASN C 66 -4.61 7.21 15.21
CA ASN C 66 -5.74 7.93 14.62
C ASN C 66 -6.67 8.48 15.69
N TYR C 67 -6.82 7.74 16.79
CA TYR C 67 -7.66 8.19 17.89
C TYR C 67 -7.07 9.45 18.52
N LEU C 68 -5.75 9.47 18.67
CA LEU C 68 -5.07 10.64 19.22
C LEU C 68 -5.19 11.82 18.27
N ARG C 69 -5.08 11.55 16.97
CA ARG C 69 -5.13 12.60 15.97
C ARG C 69 -6.52 13.23 15.87
N ASP C 70 -7.54 12.41 15.69
CA ASP C 70 -8.90 12.90 15.45
C ASP C 70 -9.77 12.97 16.70
N GLY C 71 -9.32 12.34 17.78
CA GLY C 71 -10.12 12.27 18.99
C GLY C 71 -11.23 11.24 18.88
N ALA C 72 -11.25 10.52 17.76
CA ALA C 72 -12.25 9.49 17.51
C ALA C 72 -11.76 8.57 16.40
N VAL C 73 -12.31 7.36 16.35
CA VAL C 73 -11.91 6.39 15.34
C VAL C 73 -13.00 5.35 15.11
N PRO C 74 -13.15 4.87 13.87
CA PRO C 74 -14.10 3.77 13.64
C PRO C 74 -13.65 2.48 14.32
N LEU C 75 -14.51 1.92 15.16
CA LEU C 75 -14.20 0.70 15.89
C LEU C 75 -14.37 -0.53 15.00
N PRO C 76 -13.62 -1.61 15.29
CA PRO C 76 -13.77 -2.84 14.50
C PRO C 76 -15.12 -3.52 14.70
N GLU C 77 -15.54 -4.30 13.70
CA GLU C 77 -16.84 -4.96 13.72
C GLU C 77 -16.88 -6.16 14.66
N SER C 78 -16.02 -7.15 14.39
CA SER C 78 -16.01 -8.39 15.17
C SER C 78 -15.65 -8.09 16.63
N ARG C 79 -16.25 -8.86 17.54
CA ARG C 79 -15.98 -8.67 18.97
C ARG C 79 -14.52 -8.95 19.30
N ARG C 80 -13.93 -9.92 18.60
CA ARG C 80 -12.55 -10.31 18.86
C ARG C 80 -11.59 -9.15 18.55
N GLU C 81 -11.86 -8.44 17.46
CA GLU C 81 -11.01 -7.33 17.07
C GLU C 81 -11.22 -6.13 18.00
N ILE C 82 -12.42 -6.02 18.56
CA ILE C 82 -12.69 -4.97 19.55
C ILE C 82 -11.88 -5.24 20.82
N GLU C 83 -11.77 -6.51 21.21
CA GLU C 83 -10.99 -6.88 22.38
C GLU C 83 -9.51 -6.62 22.15
N GLU C 84 -9.04 -6.90 20.94
CA GLU C 84 -7.65 -6.65 20.56
C GLU C 84 -7.35 -5.16 20.64
N LEU C 85 -8.23 -4.34 20.07
CA LEU C 85 -8.08 -2.89 20.13
C LEU C 85 -8.14 -2.41 21.59
N LEU C 86 -9.06 -3.01 22.35
CA LEU C 86 -9.24 -2.67 23.75
C LEU C 86 -8.00 -2.98 24.59
N ALA C 87 -7.35 -4.10 24.30
CA ALA C 87 -6.17 -4.52 25.05
C ALA C 87 -5.04 -3.52 24.89
N GLU C 88 -4.84 -3.05 23.66
CA GLU C 88 -3.81 -2.07 23.37
C GLU C 88 -4.18 -0.74 24.01
N ALA C 89 -5.45 -0.38 23.93
CA ALA C 89 -5.94 0.86 24.52
C ALA C 89 -5.66 0.89 26.02
N LYS C 90 -5.91 -0.22 26.70
CA LYS C 90 -5.61 -0.30 28.13
C LYS C 90 -4.12 -0.14 28.40
N TYR C 91 -3.30 -0.79 27.59
CA TYR C 91 -1.86 -0.76 27.76
C TYR C 91 -1.28 0.64 27.61
N TYR C 92 -1.67 1.33 26.54
CA TYR C 92 -1.15 2.67 26.28
C TYR C 92 -1.86 3.76 27.10
N LEU C 93 -2.81 3.33 27.92
CA LEU C 93 -3.54 4.25 28.80
C LEU C 93 -4.33 5.29 28.03
N VAL C 94 -5.00 4.86 26.96
CA VAL C 94 -5.90 5.72 26.20
C VAL C 94 -7.31 5.50 26.75
N GLN C 95 -7.61 6.14 27.88
CA GLN C 95 -8.82 5.85 28.63
C GLN C 95 -10.09 6.09 27.82
N GLY C 96 -10.08 7.11 26.97
CA GLY C 96 -11.22 7.42 26.14
C GLY C 96 -11.58 6.26 25.23
N LEU C 97 -10.56 5.68 24.59
CA LEU C 97 -10.79 4.60 23.66
C LEU C 97 -11.13 3.30 24.38
N VAL C 98 -10.54 3.10 25.56
CA VAL C 98 -10.84 1.93 26.39
C VAL C 98 -12.33 1.88 26.73
N GLU C 99 -12.85 3.02 27.18
CA GLU C 99 -14.25 3.13 27.55
C GLU C 99 -15.14 2.94 26.33
N GLU C 100 -14.78 3.61 25.24
CA GLU C 100 -15.56 3.57 24.01
C GLU C 100 -15.64 2.16 23.45
N CYS C 101 -14.59 1.37 23.67
CA CYS C 101 -14.57 -0.02 23.23
C CYS C 101 -15.39 -0.90 24.16
N GLN C 102 -15.30 -0.62 25.46
CA GLN C 102 -16.11 -1.32 26.46
C GLN C 102 -17.59 -1.05 26.22
N ALA C 103 -17.89 0.18 25.80
CA ALA C 103 -19.26 0.57 25.49
C ALA C 103 -19.75 -0.19 24.26
N ALA C 104 -18.88 -0.33 23.27
CA ALA C 104 -19.23 -1.01 22.03
C ALA C 104 -19.63 -2.46 22.29
N LEU C 105 -19.06 -3.05 23.33
CA LEU C 105 -19.36 -4.42 23.71
C LEU C 105 -20.66 -4.49 24.52
N LYS D 9 8.69 17.15 -10.99
CA LYS D 9 7.60 16.37 -11.58
C LYS D 9 7.07 15.34 -10.60
N TYR D 10 7.97 14.50 -10.09
CA TYR D 10 7.60 13.44 -9.15
C TYR D 10 7.76 13.88 -7.70
N VAL D 11 6.80 13.48 -6.87
CA VAL D 11 6.81 13.82 -5.45
C VAL D 11 6.78 12.53 -4.64
N LYS D 12 7.59 12.49 -3.57
CA LYS D 12 7.65 11.33 -2.70
C LYS D 12 7.30 11.73 -1.27
N LEU D 13 6.32 11.04 -0.69
CA LEU D 13 5.75 11.41 0.60
C LEU D 13 5.83 10.30 1.64
N ASN D 14 6.23 10.67 2.86
CA ASN D 14 6.17 9.77 4.01
C ASN D 14 4.90 10.07 4.80
N VAL D 15 3.88 9.25 4.58
CA VAL D 15 2.60 9.43 5.24
C VAL D 15 2.44 8.42 6.38
N GLY D 16 2.73 8.88 7.59
CA GLY D 16 2.59 8.07 8.78
C GLY D 16 3.50 6.86 8.81
N GLY D 17 4.55 6.88 7.99
CA GLY D 17 5.49 5.77 7.90
C GLY D 17 5.27 4.96 6.62
N ALA D 18 4.14 5.17 5.98
CA ALA D 18 3.87 4.57 4.68
C ALA D 18 4.47 5.44 3.59
N LEU D 19 5.31 4.86 2.74
CA LEU D 19 6.04 5.61 1.72
C LEU D 19 5.32 5.56 0.37
N TYR D 20 5.15 6.72 -0.24
CA TYR D 20 4.46 6.85 -1.53
C TYR D 20 5.27 7.65 -2.55
N TYR D 21 5.12 7.28 -3.82
CA TYR D 21 5.74 7.97 -4.94
C TYR D 21 4.66 8.33 -5.95
N THR D 22 4.45 9.61 -6.17
CA THR D 22 3.40 10.08 -7.08
C THR D 22 3.90 11.27 -7.90
N THR D 23 2.97 11.93 -8.61
CA THR D 23 3.33 13.03 -9.48
C THR D 23 2.69 14.34 -9.02
N MET D 24 3.27 15.45 -9.47
CA MET D 24 2.74 16.77 -9.19
C MET D 24 1.38 16.98 -9.84
N GLN D 25 1.21 16.38 -11.02
CA GLN D 25 -0.04 16.53 -11.76
C GLN D 25 -1.20 15.96 -10.95
N THR D 26 -0.93 14.86 -10.24
CA THR D 26 -1.97 14.19 -9.48
C THR D 26 -2.32 14.97 -8.22
N LEU D 27 -1.30 15.46 -7.52
CA LEU D 27 -1.52 16.13 -6.25
C LEU D 27 -2.12 17.52 -6.42
N THR D 28 -2.01 18.07 -7.63
CA THR D 28 -2.54 19.40 -7.92
C THR D 28 -3.75 19.37 -8.86
N LYS D 29 -4.26 18.18 -9.15
CA LYS D 29 -5.37 18.04 -10.09
C LYS D 29 -6.69 18.59 -9.53
N GLN D 30 -6.97 18.31 -8.26
CA GLN D 30 -8.20 18.78 -7.63
C GLN D 30 -7.92 19.83 -6.58
N ASP D 31 -8.96 20.54 -6.18
CA ASP D 31 -8.84 21.57 -5.16
C ASP D 31 -8.91 20.94 -3.77
N THR D 32 -7.73 20.73 -3.17
CA THR D 32 -7.61 20.12 -1.86
C THR D 32 -6.43 20.71 -1.11
N MET D 33 -6.22 20.28 0.12
CA MET D 33 -5.10 20.74 0.92
C MET D 33 -3.77 20.24 0.35
N LEU D 34 -3.79 19.05 -0.26
CA LEU D 34 -2.57 18.46 -0.81
C LEU D 34 -2.05 19.31 -1.96
N LYS D 35 -2.97 19.90 -2.71
CA LYS D 35 -2.61 20.84 -3.76
C LYS D 35 -1.95 22.06 -3.13
N ALA D 36 -2.53 22.51 -2.01
CA ALA D 36 -2.03 23.67 -1.30
C ALA D 36 -0.63 23.43 -0.72
N MET D 37 -0.31 22.18 -0.39
CA MET D 37 1.00 21.86 0.16
C MET D 37 2.10 22.15 -0.84
N LEU D 38 1.81 21.87 -2.10
CA LEU D 38 2.79 21.99 -3.19
C LEU D 38 2.54 23.22 -4.05
N SER D 39 1.40 23.87 -3.85
CA SER D 39 1.12 25.14 -4.50
C SER D 39 1.91 26.26 -3.81
N GLY D 40 2.70 25.89 -2.81
CA GLY D 40 3.50 26.85 -2.05
C GLY D 40 2.65 27.59 -1.05
N ARG D 41 1.37 27.20 -0.98
CA ARG D 41 0.41 27.84 -0.10
C ARG D 41 0.56 27.32 1.34
N MET D 42 1.57 26.50 1.58
CA MET D 42 1.69 25.82 2.87
C MET D 42 3.12 25.33 3.16
N GLU D 43 3.41 25.12 4.43
CA GLU D 43 4.69 24.59 4.91
C GLU D 43 4.88 23.12 4.51
N VAL D 44 6.07 22.77 4.02
CA VAL D 44 6.39 21.36 3.80
C VAL D 44 7.66 20.99 4.57
N LEU D 45 7.58 19.90 5.34
CA LEU D 45 8.69 19.39 6.13
C LEU D 45 9.18 18.04 5.57
N THR D 46 10.45 17.99 5.18
CA THR D 46 11.04 16.77 4.63
C THR D 46 12.09 16.18 5.56
N ASP D 47 12.39 14.90 5.38
CA ASP D 47 13.39 14.22 6.20
C ASP D 47 14.72 14.14 5.47
N SER D 48 15.66 13.39 6.03
CA SER D 48 17.02 13.31 5.48
C SER D 48 17.05 12.79 4.05
N GLU D 49 16.08 11.94 3.69
CA GLU D 49 16.07 11.30 2.38
C GLU D 49 15.20 12.06 1.38
N GLY D 50 14.58 13.14 1.84
CA GLY D 50 13.83 14.02 0.95
C GLY D 50 12.36 13.64 0.85
N TRP D 51 11.87 12.90 1.83
CA TRP D 51 10.48 12.48 1.86
C TRP D 51 9.64 13.49 2.63
N ILE D 52 8.61 14.03 1.98
CA ILE D 52 7.71 14.95 2.64
C ILE D 52 6.90 14.22 3.71
N LEU D 53 7.09 14.64 4.96
CA LEU D 53 6.43 13.98 6.08
C LEU D 53 5.01 14.50 6.29
N ILE D 54 4.09 13.57 6.50
CA ILE D 54 2.71 13.90 6.81
C ILE D 54 2.25 13.06 8.00
N ASP D 55 1.77 13.72 9.03
CA ASP D 55 1.35 13.04 10.25
C ASP D 55 -0.08 12.53 10.13
N ARG D 56 -0.29 11.60 9.20
CA ARG D 56 -1.55 10.91 9.05
C ARG D 56 -1.29 9.46 8.68
N CYS D 57 -2.24 8.58 8.96
CA CYS D 57 -2.10 7.19 8.55
C CYS D 57 -2.15 7.03 7.04
N GLY D 58 -1.25 6.23 6.51
CA GLY D 58 -1.13 6.03 5.07
C GLY D 58 -1.93 4.85 4.55
N LYS D 59 -2.78 4.27 5.39
CA LYS D 59 -3.57 3.11 4.98
C LYS D 59 -4.40 3.40 3.74
N HIS D 60 -5.15 4.49 3.78
CA HIS D 60 -6.08 4.85 2.71
C HIS D 60 -5.53 5.93 1.78
N PHE D 61 -4.28 6.33 1.99
CA PHE D 61 -3.69 7.43 1.23
C PHE D 61 -3.55 7.07 -0.25
N GLY D 62 -3.27 5.82 -0.54
CA GLY D 62 -3.20 5.35 -1.91
C GLY D 62 -4.52 5.55 -2.61
N THR D 63 -5.61 5.37 -1.85
CA THR D 63 -6.95 5.56 -2.38
C THR D 63 -7.21 7.05 -2.63
N ILE D 64 -6.66 7.89 -1.78
CA ILE D 64 -6.77 9.34 -1.94
C ILE D 64 -6.05 9.79 -3.20
N LEU D 65 -4.82 9.29 -3.39
CA LEU D 65 -4.03 9.66 -4.55
C LEU D 65 -4.73 9.28 -5.85
N ASN D 66 -5.37 8.12 -5.84
CA ASN D 66 -6.08 7.64 -7.03
C ASN D 66 -7.32 8.46 -7.35
N TYR D 67 -8.02 8.93 -6.31
CA TYR D 67 -9.20 9.74 -6.51
C TYR D 67 -8.82 11.07 -7.15
N LEU D 68 -7.71 11.65 -6.71
CA LEU D 68 -7.23 12.90 -7.26
C LEU D 68 -6.84 12.73 -8.73
N ARG D 69 -6.19 11.60 -9.01
CA ARG D 69 -5.72 11.32 -10.37
C ARG D 69 -6.88 11.06 -11.33
N ASP D 70 -7.78 10.17 -10.94
CA ASP D 70 -8.83 9.69 -11.83
C ASP D 70 -10.16 10.43 -11.66
N GLY D 71 -10.29 11.21 -10.59
CA GLY D 71 -11.53 11.90 -10.31
C GLY D 71 -12.59 10.98 -9.75
N ALA D 72 -12.22 9.72 -9.53
CA ALA D 72 -13.12 8.72 -8.99
C ALA D 72 -12.31 7.56 -8.44
N VAL D 73 -12.90 6.78 -7.54
CA VAL D 73 -12.20 5.65 -6.96
C VAL D 73 -13.16 4.61 -6.41
N PRO D 74 -12.80 3.32 -6.49
CA PRO D 74 -13.63 2.29 -5.85
C PRO D 74 -13.61 2.42 -4.33
N LEU D 75 -14.78 2.55 -3.71
CA LEU D 75 -14.86 2.65 -2.26
C LEU D 75 -14.79 1.27 -1.61
N PRO D 76 -14.31 1.22 -0.36
CA PRO D 76 -14.27 -0.05 0.38
C PRO D 76 -15.66 -0.58 0.70
N GLU D 77 -15.77 -1.88 0.93
CA GLU D 77 -17.06 -2.52 1.19
C GLU D 77 -17.58 -2.17 2.59
N SER D 78 -16.80 -2.51 3.61
CA SER D 78 -17.22 -2.30 4.99
C SER D 78 -17.41 -0.82 5.32
N ARG D 79 -18.38 -0.54 6.19
CA ARG D 79 -18.65 0.82 6.61
C ARG D 79 -17.46 1.41 7.38
N ARG D 80 -16.74 0.55 8.10
CA ARG D 80 -15.62 1.01 8.91
C ARG D 80 -14.51 1.65 8.07
N GLU D 81 -14.17 1.02 6.96
CA GLU D 81 -13.09 1.52 6.12
C GLU D 81 -13.52 2.77 5.34
N ILE D 82 -14.82 2.86 5.04
CA ILE D 82 -15.34 4.06 4.39
C ILE D 82 -15.25 5.25 5.34
N GLU D 83 -15.55 5.00 6.62
CA GLU D 83 -15.46 6.05 7.64
C GLU D 83 -14.00 6.44 7.88
N GLU D 84 -13.10 5.47 7.83
CA GLU D 84 -11.67 5.74 7.95
C GLU D 84 -11.23 6.64 6.79
N LEU D 85 -11.66 6.25 5.59
CA LEU D 85 -11.35 7.03 4.38
C LEU D 85 -11.95 8.42 4.47
N LEU D 86 -13.17 8.51 5.00
CA LEU D 86 -13.86 9.78 5.18
C LEU D 86 -13.05 10.71 6.07
N ALA D 87 -12.46 10.15 7.13
CA ALA D 87 -11.66 10.93 8.06
C ALA D 87 -10.46 11.53 7.35
N GLU D 88 -9.80 10.72 6.53
CA GLU D 88 -8.65 11.18 5.76
C GLU D 88 -9.09 12.17 4.69
N ALA D 89 -10.19 11.85 4.00
CA ALA D 89 -10.74 12.73 2.97
C ALA D 89 -11.08 14.10 3.55
N LYS D 90 -11.70 14.09 4.73
CA LYS D 90 -12.05 15.34 5.40
C LYS D 90 -10.81 16.14 5.76
N TYR D 91 -9.79 15.45 6.26
CA TYR D 91 -8.56 16.10 6.69
C TYR D 91 -7.86 16.78 5.51
N TYR D 92 -7.73 16.07 4.40
CA TYR D 92 -7.05 16.62 3.23
C TYR D 92 -7.95 17.56 2.41
N LEU D 93 -9.19 17.74 2.85
CA LEU D 93 -10.15 18.59 2.16
C LEU D 93 -10.42 18.10 0.74
N VAL D 94 -10.60 16.80 0.60
CA VAL D 94 -11.00 16.21 -0.68
C VAL D 94 -12.52 16.16 -0.68
N GLN D 95 -13.13 17.30 -0.95
CA GLN D 95 -14.56 17.48 -0.79
C GLN D 95 -15.37 16.51 -1.65
N GLY D 96 -14.86 16.22 -2.85
CA GLY D 96 -15.53 15.29 -3.75
C GLY D 96 -15.67 13.92 -3.14
N LEU D 97 -14.59 13.41 -2.56
CA LEU D 97 -14.59 12.08 -1.98
C LEU D 97 -15.36 12.05 -0.67
N VAL D 98 -15.33 13.17 0.06
CA VAL D 98 -16.09 13.29 1.30
C VAL D 98 -17.57 13.07 1.05
N GLU D 99 -18.08 13.68 -0.02
CA GLU D 99 -19.49 13.56 -0.36
C GLU D 99 -19.87 12.14 -0.71
N GLU D 100 -19.05 11.50 -1.55
CA GLU D 100 -19.34 10.14 -2.01
C GLU D 100 -19.26 9.15 -0.84
N CYS D 101 -18.43 9.45 0.15
CA CYS D 101 -18.29 8.60 1.34
C CYS D 101 -19.47 8.81 2.27
N GLN D 102 -19.89 10.06 2.40
CA GLN D 102 -21.09 10.39 3.16
C GLN D 102 -22.31 9.76 2.47
N ALA D 103 -22.29 9.80 1.14
CA ALA D 103 -23.36 9.21 0.35
C ALA D 103 -23.36 7.69 0.44
N ALA D 104 -22.15 7.10 0.41
CA ALA D 104 -22.00 5.66 0.44
C ALA D 104 -22.60 5.07 1.71
N LEU D 105 -22.57 5.85 2.78
CA LEU D 105 -23.16 5.43 4.05
C LEU D 105 -24.66 5.70 4.00
N GLN D 106 -25.38 4.80 3.31
CA GLN D 106 -26.82 4.94 3.16
C GLN D 106 -27.59 4.13 4.20
N ASN D 107 -27.15 2.89 4.44
CA ASN D 107 -27.81 2.02 5.40
C ASN D 107 -27.21 2.15 6.79
HG HG E . -9.51 3.66 -17.32
HG HG F . -1.89 -5.87 -9.96
HG HG G . -1.46 -9.09 16.17
HG HG H . -4.50 3.23 10.19
#